data_7K2K
#
_entry.id   7K2K
#
_cell.length_a   162.552
_cell.length_b   68.874
_cell.length_c   77.470
_cell.angle_alpha   90.000
_cell.angle_beta   117.610
_cell.angle_gamma   90.000
#
_symmetry.space_group_name_H-M   'C 1 2 1'
#
loop_
_entity.id
_entity.type
_entity.pdbx_description
1 polymer 'Kelch-like ECH-associated protein 1'
2 polymer BAL-ASP-GLU-GLU-THR-GLY-GLU
3 water water
#
loop_
_entity_poly.entity_id
_entity_poly.type
_entity_poly.pdbx_seq_one_letter_code
_entity_poly.pdbx_strand_id
1 'polypeptide(L)'
;VGRLIYTAGGYFRQSLSYLEAYNPSDGTWLRLADLQVPRSGLAGCVVGGLLYAVGGRNNSPDGNTDSSALDCYNPMTNQW
SPCAPMSVPRNRIGVGVIDGHIYAVGGSHGCIHHNSVERYEPERDEWHLVAPMLTRRIGVGVAVLNRLLYAVGGFDGTNR
LNSAECYYPERNEWRMITAMNTIRSGAGVCVLHNCIYAAGGYDGQDQLNSVERYDVATATWTFVAPMKHRRSALGITVHQ
GRIYVLGGYDGHTFLDSVECYDPDTDTWSEVTRMTSGRSGVGVAVTMEPSRKQIDQQNCTC
;
A,B
2 'polypeptide(L)' (BAL)DEETGE P
#
loop_
_chem_comp.id
_chem_comp.type
_chem_comp.name
_chem_comp.formula
BAL peptide-like BETA-ALANINE 'C3 H7 N O2'
#
# COMPACT_ATOMS: atom_id res chain seq x y z
N LEU A 4 3.49 19.46 29.88
CA LEU A 4 3.08 18.07 30.14
C LEU A 4 2.55 17.35 28.91
N ILE A 5 2.55 16.04 29.01
CA ILE A 5 2.06 15.16 27.96
C ILE A 5 0.62 14.79 28.34
N TYR A 6 -0.37 15.27 27.61
CA TYR A 6 -1.76 15.01 27.94
C TYR A 6 -2.28 13.84 27.12
N THR A 7 -2.99 12.93 27.77
CA THR A 7 -3.64 11.83 27.06
C THR A 7 -5.13 11.89 27.36
N ALA A 8 -5.93 11.85 26.30
CA ALA A 8 -7.38 12.00 26.46
C ALA A 8 -8.08 10.78 25.89
N GLY A 9 -9.10 10.27 26.63
CA GLY A 9 -9.91 9.17 26.09
C GLY A 9 -9.14 7.86 25.98
N GLY A 10 -9.54 7.01 25.05
CA GLY A 10 -8.93 5.70 24.93
C GLY A 10 -9.98 4.61 25.09
N TYR A 11 -9.52 3.36 24.98
CA TYR A 11 -10.42 2.23 25.07
C TYR A 11 -9.92 1.10 25.97
N PHE A 12 -10.76 0.71 26.92
CA PHE A 12 -10.47 -0.36 27.86
C PHE A 12 -11.82 -1.04 28.11
N ARG A 13 -12.34 -1.63 27.02
CA ARG A 13 -13.64 -2.34 26.92
C ARG A 13 -14.88 -1.43 26.89
N GLN A 14 -14.63 -0.12 26.81
CA GLN A 14 -15.64 0.94 26.77
C GLN A 14 -14.88 2.25 26.53
N SER A 15 -15.49 3.18 25.81
CA SER A 15 -14.84 4.46 25.54
C SER A 15 -14.51 5.13 26.87
N LEU A 16 -13.24 5.48 27.08
CA LEU A 16 -12.85 6.08 28.36
C LEU A 16 -12.95 7.60 28.28
N SER A 17 -13.10 8.23 29.45
CA SER A 17 -13.20 9.67 29.60
C SER A 17 -11.96 10.31 30.15
N TYR A 18 -10.95 9.51 30.54
CA TYR A 18 -9.81 10.06 31.27
C TYR A 18 -9.16 11.18 30.51
N LEU A 19 -8.79 12.23 31.23
CA LEU A 19 -7.79 13.19 30.76
C LEU A 19 -6.71 13.21 31.83
N GLU A 20 -5.51 12.76 31.49
CA GLU A 20 -4.39 12.69 32.44
C GLU A 20 -3.13 13.28 31.80
N ALA A 21 -2.25 13.84 32.62
CA ALA A 21 -1.10 14.55 32.07
C ALA A 21 0.18 14.06 32.74
N TYR A 22 1.15 13.67 31.93
CA TYR A 22 2.40 13.12 32.41
C TYR A 22 3.49 14.21 32.40
N ASN A 23 4.21 14.28 33.50
CA ASN A 23 5.34 15.15 33.73
C ASN A 23 6.59 14.31 33.57
N PRO A 24 7.32 14.42 32.47
CA PRO A 24 8.47 13.55 32.26
C PRO A 24 9.60 13.82 33.23
N SER A 25 9.58 14.96 33.91
CA SER A 25 10.59 15.30 34.91
C SER A 25 10.27 14.67 36.25
N ASP A 26 9.04 14.94 36.75
CA ASP A 26 8.44 14.51 38.05
C ASP A 26 8.14 13.03 38.09
N GLY A 27 7.79 12.49 36.93
CA GLY A 27 7.19 11.19 36.77
C GLY A 27 5.71 11.08 37.08
N THR A 28 5.05 12.16 37.52
CA THR A 28 3.67 12.05 38.01
C THR A 28 2.68 11.98 36.86
N TRP A 29 1.54 11.35 37.11
CA TRP A 29 0.36 11.51 36.28
C TRP A 29 -0.65 12.34 37.04
N LEU A 30 -1.11 13.40 36.42
CA LEU A 30 -2.08 14.30 37.02
C LEU A 30 -3.44 13.96 36.42
N ARG A 31 -4.47 13.76 37.26
CA ARG A 31 -5.79 13.39 36.76
C ARG A 31 -6.61 14.66 36.64
N LEU A 32 -7.09 14.97 35.45
CA LEU A 32 -7.74 16.25 35.19
C LEU A 32 -9.23 16.02 34.84
N ALA A 33 -9.88 17.07 34.36
CA ALA A 33 -11.32 16.98 34.08
C ALA A 33 -11.62 15.95 33.00
N ASP A 34 -12.60 15.08 33.29
CA ASP A 34 -13.03 14.09 32.32
C ASP A 34 -13.59 14.74 31.07
N LEU A 35 -13.36 14.11 29.92
CA LEU A 35 -14.12 14.40 28.71
C LEU A 35 -15.61 14.32 29.00
N GLN A 36 -16.38 15.18 28.31
CA GLN A 36 -17.80 15.15 28.57
C GLN A 36 -18.41 13.83 28.10
N VAL A 37 -17.87 13.26 27.02
CA VAL A 37 -18.32 12.00 26.44
C VAL A 37 -17.12 11.05 26.34
N PRO A 38 -17.21 9.79 26.80
CA PRO A 38 -16.13 8.82 26.58
C PRO A 38 -15.91 8.62 25.08
N ARG A 39 -14.64 8.53 24.66
CA ARG A 39 -14.29 8.39 23.26
C ARG A 39 -12.95 7.65 23.16
N SER A 40 -12.86 6.73 22.20
CA SER A 40 -11.64 6.08 21.74
C SER A 40 -11.49 6.37 20.23
N GLY A 41 -10.30 6.20 19.68
CA GLY A 41 -10.09 6.44 18.27
C GLY A 41 -10.08 7.90 17.91
N LEU A 42 -9.89 8.79 18.89
CA LEU A 42 -9.90 10.22 18.69
C LEU A 42 -8.48 10.65 18.46
N ALA A 43 -8.27 11.92 18.10
CA ALA A 43 -6.93 12.49 18.05
C ALA A 43 -6.86 13.70 18.97
N GLY A 44 -5.67 14.03 19.43
CA GLY A 44 -5.46 15.25 20.22
C GLY A 44 -4.56 16.20 19.44
N CYS A 45 -4.69 17.49 19.74
CA CYS A 45 -3.72 18.45 19.18
C CYS A 45 -3.80 19.68 20.04
N VAL A 46 -2.86 20.61 19.84
CA VAL A 46 -2.84 21.84 20.62
C VAL A 46 -2.81 23.05 19.68
N VAL A 47 -3.68 24.03 19.91
CA VAL A 47 -3.59 25.28 19.15
C VAL A 47 -3.74 26.40 20.17
N GLY A 48 -2.85 27.39 20.09
CA GLY A 48 -2.94 28.52 21.02
C GLY A 48 -2.94 28.07 22.47
N GLY A 49 -2.16 27.04 22.79
CA GLY A 49 -2.13 26.57 24.15
C GLY A 49 -3.32 25.76 24.61
N LEU A 50 -4.40 25.67 23.82
CA LEU A 50 -5.56 24.90 24.21
C LEU A 50 -5.48 23.49 23.62
N LEU A 51 -5.98 22.50 24.35
CA LEU A 51 -5.93 21.10 23.92
C LEU A 51 -7.26 20.74 23.27
N TYR A 52 -7.23 20.18 22.08
CA TYR A 52 -8.43 19.76 21.39
C TYR A 52 -8.51 18.23 21.31
N ALA A 53 -9.71 17.69 21.59
CA ALA A 53 -10.02 16.27 21.36
C ALA A 53 -10.95 16.18 20.15
N VAL A 54 -10.55 15.39 19.13
CA VAL A 54 -11.23 15.44 17.83
C VAL A 54 -11.71 14.04 17.43
N GLY A 55 -13.02 13.91 17.11
CA GLY A 55 -13.61 12.67 16.58
C GLY A 55 -13.61 11.55 17.60
N GLY A 56 -13.51 10.33 17.11
CA GLY A 56 -13.54 9.13 17.94
C GLY A 56 -14.85 8.39 17.88
N ARG A 57 -15.08 7.59 18.90
CA ARG A 57 -16.26 6.74 18.94
C ARG A 57 -16.54 6.45 20.40
N ASN A 58 -17.80 6.47 20.79
CA ASN A 58 -18.19 6.08 22.15
C ASN A 58 -18.66 4.64 22.10
N ASN A 59 -17.79 3.72 22.53
CA ASN A 59 -18.17 2.32 22.73
C ASN A 59 -18.60 2.17 24.19
N SER A 60 -19.87 1.83 24.41
CA SER A 60 -20.43 1.78 25.75
C SER A 60 -21.29 0.54 25.88
N PRO A 61 -21.47 0.04 27.11
CA PRO A 61 -22.33 -1.14 27.29
C PRO A 61 -23.75 -0.95 26.79
N ASP A 62 -24.19 0.27 26.51
CA ASP A 62 -25.55 0.48 26.07
C ASP A 62 -25.64 0.94 24.64
N GLY A 63 -24.52 1.08 23.96
CA GLY A 63 -24.57 1.48 22.58
C GLY A 63 -23.22 2.00 22.13
N ASN A 64 -23.11 2.19 20.83
CA ASN A 64 -21.86 2.58 20.22
C ASN A 64 -22.14 3.62 19.16
N THR A 65 -21.38 4.71 19.18
CA THR A 65 -21.65 5.78 18.23
C THR A 65 -20.36 6.47 17.89
N ASP A 66 -20.09 6.61 16.58
CA ASP A 66 -18.95 7.41 16.13
C ASP A 66 -19.19 8.85 16.50
N SER A 67 -18.12 9.63 16.58
CA SER A 67 -18.26 10.98 17.08
C SER A 67 -17.74 11.98 16.06
N SER A 68 -18.51 13.05 15.82
CA SER A 68 -18.00 14.19 15.06
C SER A 68 -17.54 15.32 15.96
N ALA A 69 -17.48 15.07 17.29
CA ALA A 69 -17.30 16.17 18.24
C ALA A 69 -15.92 16.76 18.17
N LEU A 70 -15.87 18.07 18.36
CA LEU A 70 -14.61 18.72 18.68
C LEU A 70 -14.77 19.35 20.05
N ASP A 71 -13.85 19.08 20.97
CA ASP A 71 -13.95 19.67 22.30
C ASP A 71 -12.60 20.24 22.68
N CYS A 72 -12.62 21.29 23.49
CA CYS A 72 -11.42 22.05 23.80
C CYS A 72 -11.21 22.12 25.31
N TYR A 73 -10.02 21.80 25.78
CA TYR A 73 -9.64 21.79 27.18
C TYR A 73 -8.65 22.93 27.44
N ASN A 74 -8.97 23.75 28.45
CA ASN A 74 -8.10 24.87 28.84
C ASN A 74 -7.34 24.52 30.11
N PRO A 75 -6.02 24.33 30.07
CA PRO A 75 -5.31 24.00 31.31
C PRO A 75 -5.41 25.10 32.35
N MET A 76 -5.77 26.32 31.96
CA MET A 76 -5.79 27.34 33.01
C MET A 76 -7.09 27.31 33.78
N THR A 77 -8.13 26.69 33.25
CA THR A 77 -9.37 26.50 33.99
C THR A 77 -9.63 25.06 34.39
N ASN A 78 -8.88 24.10 33.85
CA ASN A 78 -9.22 22.68 33.98
C ASN A 78 -10.68 22.44 33.59
N GLN A 79 -11.11 23.08 32.49
CA GLN A 79 -12.46 22.91 31.95
C GLN A 79 -12.44 22.56 30.47
N TRP A 80 -13.34 21.65 30.10
CA TRP A 80 -13.67 21.35 28.71
C TRP A 80 -14.83 22.22 28.23
N SER A 81 -14.79 22.61 26.95
CA SER A 81 -15.90 23.34 26.30
C SER A 81 -16.11 22.73 24.93
N PRO A 82 -17.34 22.56 24.50
CA PRO A 82 -17.57 22.08 23.13
C PRO A 82 -17.24 23.16 22.13
N CYS A 83 -16.91 22.70 20.94
CA CYS A 83 -16.74 23.48 19.75
C CYS A 83 -17.73 22.98 18.71
N ALA A 84 -17.78 23.67 17.58
CA ALA A 84 -18.62 23.20 16.49
C ALA A 84 -18.10 21.84 16.02
N PRO A 85 -18.99 20.89 15.70
CA PRO A 85 -18.55 19.56 15.27
C PRO A 85 -18.15 19.52 13.80
N MET A 86 -17.47 18.43 13.45
CA MET A 86 -17.12 18.16 12.07
C MET A 86 -18.37 17.85 11.26
N SER A 87 -18.20 17.91 9.94
CA SER A 87 -19.29 17.58 9.04
C SER A 87 -19.76 16.13 9.24
N VAL A 88 -18.87 15.21 9.62
CA VAL A 88 -19.21 13.79 9.76
C VAL A 88 -18.51 13.22 10.97
N PRO A 89 -19.07 12.16 11.55
CA PRO A 89 -18.31 11.41 12.58
C PRO A 89 -17.06 10.76 11.95
N ARG A 90 -15.96 10.73 12.72
CA ARG A 90 -14.64 10.21 12.27
C ARG A 90 -14.00 9.44 13.42
N ASN A 91 -14.25 8.15 13.44
CA ASN A 91 -13.57 7.23 14.32
C ASN A 91 -12.21 6.88 13.71
N ARG A 92 -11.20 6.74 14.56
CA ARG A 92 -9.82 6.43 14.11
C ARG A 92 -9.33 7.47 13.12
N ILE A 93 -9.50 8.69 13.54
CA ILE A 93 -9.14 9.89 12.79
C ILE A 93 -7.64 10.19 12.93
N GLY A 94 -7.10 11.00 12.02
CA GLY A 94 -5.80 11.63 12.24
C GLY A 94 -5.96 13.14 12.09
N VAL A 95 -5.17 13.91 12.83
CA VAL A 95 -5.29 15.36 12.69
C VAL A 95 -3.91 16.00 12.61
N GLY A 96 -3.88 17.18 12.02
CA GLY A 96 -2.67 17.97 12.06
C GLY A 96 -3.02 19.43 12.08
N VAL A 97 -2.07 20.23 12.51
CA VAL A 97 -2.28 21.67 12.68
C VAL A 97 -1.37 22.40 11.70
N ILE A 98 -1.96 23.27 10.87
CA ILE A 98 -1.21 24.17 10.01
C ILE A 98 -1.73 25.58 10.22
N ASP A 99 -0.84 26.52 10.52
CA ASP A 99 -1.23 27.96 10.56
C ASP A 99 -2.39 28.20 11.53
N GLY A 100 -2.37 27.52 12.66
CA GLY A 100 -3.40 27.67 13.68
C GLY A 100 -4.75 27.06 13.34
N HIS A 101 -4.82 26.25 12.27
CA HIS A 101 -6.03 25.55 11.86
C HIS A 101 -5.85 24.06 12.04
N ILE A 102 -6.95 23.37 12.45
CA ILE A 102 -6.95 21.92 12.68
C ILE A 102 -7.48 21.23 11.43
N TYR A 103 -6.70 20.30 10.85
CA TYR A 103 -7.14 19.48 9.74
C TYR A 103 -7.53 18.11 10.28
N ALA A 104 -8.77 17.71 10.05
CA ALA A 104 -9.28 16.38 10.38
C ALA A 104 -9.26 15.52 9.12
N VAL A 105 -8.64 14.33 9.24
CA VAL A 105 -8.30 13.48 8.10
C VAL A 105 -8.89 12.09 8.27
N GLY A 106 -9.66 11.64 7.27
CA GLY A 106 -9.98 10.22 7.16
C GLY A 106 -10.89 9.74 8.30
N GLY A 107 -10.66 8.50 8.73
CA GLY A 107 -11.44 7.88 9.78
C GLY A 107 -12.67 7.17 9.19
N SER A 108 -13.48 6.54 10.05
CA SER A 108 -14.66 5.77 9.63
C SER A 108 -15.93 6.32 10.26
N HIS A 109 -17.06 6.04 9.64
CA HIS A 109 -18.37 6.27 10.25
C HIS A 109 -19.19 5.05 9.88
N GLY A 110 -19.31 4.14 10.82
CA GLY A 110 -20.00 2.90 10.48
C GLY A 110 -19.26 2.23 9.33
N CYS A 111 -19.94 1.99 8.21
CA CYS A 111 -19.36 1.35 7.04
C CYS A 111 -18.61 2.30 6.14
N ILE A 112 -18.69 3.60 6.40
CA ILE A 112 -18.08 4.57 5.51
C ILE A 112 -16.64 4.72 5.92
N HIS A 113 -15.73 4.54 4.96
CA HIS A 113 -14.29 4.75 5.14
C HIS A 113 -13.94 6.09 4.48
N HIS A 114 -13.67 7.13 5.25
CA HIS A 114 -13.56 8.45 4.68
C HIS A 114 -12.25 8.64 3.88
N ASN A 115 -12.36 9.30 2.73
CA ASN A 115 -11.23 10.02 2.17
C ASN A 115 -11.35 11.52 2.38
N SER A 116 -12.47 11.98 2.93
CA SER A 116 -12.67 13.41 3.06
C SER A 116 -11.81 13.99 4.17
N VAL A 117 -11.60 15.30 4.06
CA VAL A 117 -10.72 16.08 4.93
C VAL A 117 -11.41 17.39 5.18
N GLU A 118 -11.31 17.90 6.41
CA GLU A 118 -11.94 19.20 6.69
C GLU A 118 -11.09 19.99 7.66
N ARG A 119 -11.28 21.31 7.68
CA ARG A 119 -10.40 22.25 8.37
C ARG A 119 -11.18 23.10 9.38
N TYR A 120 -10.63 23.23 10.60
CA TYR A 120 -11.27 24.01 11.65
C TYR A 120 -10.48 25.29 11.86
N GLU A 121 -11.21 26.38 12.00
CA GLU A 121 -10.66 27.72 12.29
C GLU A 121 -11.11 28.14 13.68
N PRO A 122 -10.22 28.06 14.68
CA PRO A 122 -10.62 28.36 16.05
C PRO A 122 -11.17 29.77 16.18
N GLU A 123 -10.68 30.69 15.39
CA GLU A 123 -11.12 32.06 15.63
C GLU A 123 -12.53 32.29 15.11
N ARG A 124 -13.05 31.39 14.30
CA ARG A 124 -14.42 31.52 13.85
C ARG A 124 -15.30 30.38 14.36
N ASP A 125 -14.72 29.39 15.02
CA ASP A 125 -15.39 28.15 15.45
C ASP A 125 -16.23 27.59 14.29
N GLU A 126 -15.56 27.35 13.16
CA GLU A 126 -16.16 26.86 11.93
C GLU A 126 -15.27 25.78 11.32
N TRP A 127 -15.91 24.75 10.78
CA TRP A 127 -15.29 23.73 9.96
C TRP A 127 -15.66 23.97 8.50
N HIS A 128 -14.75 23.65 7.58
CA HIS A 128 -15.05 23.70 6.14
C HIS A 128 -14.35 22.56 5.43
N LEU A 129 -15.04 21.88 4.50
CA LEU A 129 -14.43 20.74 3.82
C LEU A 129 -13.32 21.22 2.88
N VAL A 130 -12.26 20.44 2.79
CA VAL A 130 -11.23 20.76 1.79
C VAL A 130 -11.10 19.58 0.83
N ALA A 131 -10.09 19.60 -0.01
CA ALA A 131 -10.00 18.53 -1.01
C ALA A 131 -9.85 17.18 -0.30
N PRO A 132 -10.54 16.14 -0.75
CA PRO A 132 -10.40 14.82 -0.13
C PRO A 132 -9.09 14.17 -0.55
N MET A 133 -8.67 13.21 0.25
CA MET A 133 -7.47 12.45 -0.05
C MET A 133 -7.66 11.62 -1.31
N LEU A 134 -6.53 11.19 -1.88
CA LEU A 134 -6.59 10.22 -2.96
C LEU A 134 -7.08 8.87 -2.49
N THR A 135 -7.03 8.61 -1.19
CA THR A 135 -7.22 7.29 -0.60
C THR A 135 -8.18 7.38 0.60
N ARG A 136 -9.05 6.40 0.76
CA ARG A 136 -9.84 6.28 1.98
C ARG A 136 -8.94 5.67 3.04
N ARG A 137 -8.88 6.29 4.24
CA ARG A 137 -7.91 5.89 5.24
C ARG A 137 -8.55 5.99 6.61
N ILE A 138 -8.75 4.85 7.21
CA ILE A 138 -9.13 4.75 8.61
C ILE A 138 -7.88 4.42 9.37
N GLY A 139 -7.74 4.91 10.61
CA GLY A 139 -6.53 4.60 11.35
C GLY A 139 -5.32 5.23 10.71
N VAL A 140 -5.51 6.37 10.07
CA VAL A 140 -4.45 7.05 9.33
C VAL A 140 -3.55 7.81 10.30
N GLY A 141 -2.24 7.87 10.03
CA GLY A 141 -1.36 8.73 10.85
C GLY A 141 -1.13 10.06 10.15
N VAL A 142 -1.09 11.15 10.91
CA VAL A 142 -0.99 12.47 10.31
C VAL A 142 0.12 13.29 10.97
N ALA A 143 0.89 13.98 10.15
CA ALA A 143 1.97 14.82 10.66
C ALA A 143 2.11 16.05 9.77
N VAL A 144 2.66 17.12 10.32
CA VAL A 144 2.85 18.31 9.53
C VAL A 144 4.34 18.62 9.48
N LEU A 145 4.84 18.84 8.29
CA LEU A 145 6.24 19.17 8.15
C LEU A 145 6.31 20.28 7.13
N ASN A 146 7.03 21.34 7.48
CA ASN A 146 7.13 22.56 6.68
C ASN A 146 5.77 23.02 6.13
N ARG A 147 4.76 23.08 7.01
CA ARG A 147 3.40 23.53 6.66
C ARG A 147 2.77 22.73 5.51
N LEU A 148 3.18 21.48 5.34
CA LEU A 148 2.45 20.55 4.48
C LEU A 148 1.91 19.44 5.35
N LEU A 149 0.76 18.90 4.94
CA LEU A 149 0.05 17.93 5.76
C LEU A 149 0.24 16.53 5.17
N TYR A 150 0.72 15.58 5.97
CA TYR A 150 0.99 14.23 5.46
C TYR A 150 0.03 13.24 6.11
N ALA A 151 -0.58 12.40 5.28
CA ALA A 151 -1.43 11.30 5.74
C ALA A 151 -0.74 9.99 5.37
N VAL A 152 -0.54 9.13 6.37
CA VAL A 152 0.42 8.03 6.29
C VAL A 152 -0.31 6.74 6.65
N GLY A 153 -0.27 5.74 5.76
CA GLY A 153 -0.81 4.44 6.15
C GLY A 153 -2.33 4.49 6.37
N GLY A 154 -2.81 3.51 7.16
CA GLY A 154 -4.23 3.36 7.42
C GLY A 154 -4.84 2.10 6.82
N PHE A 155 -6.16 2.10 6.74
CA PHE A 155 -6.94 0.96 6.31
C PHE A 155 -8.07 1.46 5.41
N ASP A 156 -8.20 0.92 4.19
CA ASP A 156 -9.19 1.47 3.27
C ASP A 156 -10.52 0.74 3.33
N GLY A 157 -10.68 -0.14 4.29
CA GLY A 157 -11.87 -0.97 4.40
C GLY A 157 -11.63 -2.38 3.91
N THR A 158 -10.62 -2.58 3.07
CA THR A 158 -10.28 -3.88 2.52
C THR A 158 -8.80 -4.18 2.72
N ASN A 159 -7.95 -3.19 2.41
CA ASN A 159 -6.51 -3.37 2.50
C ASN A 159 -5.93 -2.42 3.50
N ARG A 160 -4.93 -2.88 4.26
CA ARG A 160 -4.09 -1.92 4.97
C ARG A 160 -2.98 -1.37 4.09
N LEU A 161 -2.47 -0.20 4.47
CA LEU A 161 -1.81 0.68 3.50
C LEU A 161 -0.42 1.02 3.96
N ASN A 162 0.52 1.02 3.04
CA ASN A 162 1.80 1.65 3.30
C ASN A 162 1.94 2.96 2.54
N SER A 163 0.93 3.29 1.73
CA SER A 163 1.04 4.53 0.96
C SER A 163 0.98 5.73 1.89
N ALA A 164 1.49 6.84 1.38
CA ALA A 164 1.37 8.13 2.04
C ALA A 164 1.12 9.17 1.00
N GLU A 165 0.46 10.23 1.43
CA GLU A 165 0.22 11.35 0.53
C GLU A 165 0.30 12.66 1.30
N CYS A 166 0.44 13.74 0.53
CA CYS A 166 0.81 15.05 1.03
C CYS A 166 -0.19 16.08 0.52
N TYR A 167 -0.68 16.93 1.40
CA TYR A 167 -1.67 17.95 1.11
C TYR A 167 -0.99 19.31 1.13
N TYR A 168 -1.19 20.07 0.03
CA TYR A 168 -0.68 21.42 -0.09
C TYR A 168 -1.83 22.35 0.25
N PRO A 169 -1.78 23.05 1.39
CA PRO A 169 -2.97 23.84 1.82
C PRO A 169 -3.34 24.95 0.88
N GLU A 170 -2.37 25.63 0.26
CA GLU A 170 -2.75 26.76 -0.55
C GLU A 170 -2.92 26.41 -2.02
N ARG A 171 -2.70 25.18 -2.40
CA ARG A 171 -3.18 24.69 -3.69
C ARG A 171 -4.42 23.82 -3.54
N ASN A 172 -4.79 23.50 -2.30
CA ASN A 172 -5.88 22.58 -2.02
C ASN A 172 -5.85 21.33 -2.89
N GLU A 173 -4.76 20.57 -2.76
CA GLU A 173 -4.60 19.35 -3.54
C GLU A 173 -3.68 18.37 -2.80
N TRP A 174 -3.93 17.06 -3.02
CA TRP A 174 -3.18 15.97 -2.43
C TRP A 174 -2.32 15.37 -3.52
N ARG A 175 -1.11 14.96 -3.15
CA ARG A 175 -0.16 14.37 -4.08
C ARG A 175 0.42 13.15 -3.39
N MET A 176 0.42 12.01 -4.08
CA MET A 176 1.04 10.82 -3.49
C MET A 176 2.54 11.07 -3.30
N ILE A 177 3.13 10.52 -2.23
CA ILE A 177 4.59 10.52 -2.07
C ILE A 177 5.07 9.08 -2.01
N THR A 178 6.35 8.88 -1.65
CA THR A 178 6.93 7.54 -1.49
C THR A 178 6.27 6.78 -0.36
N ALA A 179 5.93 5.52 -0.63
CA ALA A 179 5.29 4.69 0.39
C ALA A 179 6.31 4.25 1.43
N MET A 180 5.81 4.01 2.63
CA MET A 180 6.61 3.43 3.69
C MET A 180 7.11 2.06 3.27
N ASN A 181 8.16 1.60 3.95
CA ASN A 181 8.60 0.23 3.82
C ASN A 181 7.52 -0.75 4.29
N THR A 182 6.78 -0.40 5.33
CA THR A 182 5.90 -1.32 6.02
C THR A 182 4.45 -0.86 6.00
N ILE A 183 3.53 -1.80 5.74
CA ILE A 183 2.11 -1.51 5.84
C ILE A 183 1.73 -1.28 7.29
N ARG A 184 0.96 -0.24 7.59
CA ARG A 184 0.62 0.09 8.97
C ARG A 184 -0.74 0.79 9.00
N SER A 185 -1.74 0.25 9.71
CA SER A 185 -2.83 1.09 10.17
C SER A 185 -2.73 1.24 11.68
N GLY A 186 -3.23 2.36 12.16
CA GLY A 186 -3.16 2.57 13.61
C GLY A 186 -1.72 2.78 14.10
N ALA A 187 -0.84 3.29 13.25
CA ALA A 187 0.49 3.65 13.71
C ALA A 187 0.45 4.99 14.43
N GLY A 188 1.53 5.32 15.12
CA GLY A 188 1.75 6.66 15.66
C GLY A 188 2.65 7.40 14.70
N VAL A 189 2.19 8.55 14.22
CA VAL A 189 2.92 9.34 13.23
C VAL A 189 3.13 10.73 13.80
N CYS A 190 4.36 11.21 13.74
CA CYS A 190 4.65 12.53 14.30
C CYS A 190 5.83 13.12 13.57
N VAL A 191 6.15 14.38 13.84
CA VAL A 191 7.33 15.01 13.24
C VAL A 191 8.32 15.28 14.35
N LEU A 192 9.58 14.93 14.10
CA LEU A 192 10.65 15.15 15.06
C LEU A 192 11.83 15.77 14.30
N HIS A 193 12.51 16.72 14.94
CA HIS A 193 13.64 17.42 14.34
C HIS A 193 13.29 17.95 12.94
N ASN A 194 13.53 17.14 11.91
CA ASN A 194 13.22 17.53 10.54
C ASN A 194 12.77 16.33 9.72
N CYS A 195 11.92 15.49 10.30
CA CYS A 195 11.43 14.30 9.61
C CYS A 195 10.13 13.75 10.18
N ILE A 196 9.48 12.89 9.41
CA ILE A 196 8.22 12.25 9.80
C ILE A 196 8.52 10.86 10.32
N TYR A 197 8.06 10.53 11.52
CA TYR A 197 8.24 9.18 12.07
C TYR A 197 6.91 8.44 12.03
N ALA A 198 6.97 7.16 11.67
CA ALA A 198 5.80 6.28 11.75
C ALA A 198 6.23 5.10 12.61
N ALA A 199 5.54 4.90 13.74
CA ALA A 199 5.96 3.92 14.76
C ALA A 199 4.83 2.92 14.99
N GLY A 200 5.16 1.63 14.95
CA GLY A 200 4.18 0.61 15.28
C GLY A 200 3.02 0.52 14.28
N GLY A 201 1.86 0.09 14.78
CA GLY A 201 0.74 -0.11 13.88
C GLY A 201 0.43 -1.59 13.69
N TYR A 202 -0.45 -1.86 12.72
CA TYR A 202 -1.00 -3.19 12.46
C TYR A 202 -0.98 -3.40 10.95
N ASP A 203 -0.49 -4.55 10.47
CA ASP A 203 -0.43 -4.72 9.02
C ASP A 203 -1.42 -5.75 8.54
N GLY A 204 -2.38 -6.10 9.38
CA GLY A 204 -3.31 -7.15 9.03
C GLY A 204 -2.91 -8.53 9.52
N GLN A 205 -1.67 -8.72 9.96
CA GLN A 205 -1.23 -10.01 10.49
C GLN A 205 -0.64 -9.82 11.88
N ASP A 206 0.24 -8.84 12.04
CA ASP A 206 0.94 -8.63 13.30
C ASP A 206 0.82 -7.20 13.78
N GLN A 207 0.89 -7.00 15.11
CA GLN A 207 1.23 -5.68 15.63
C GLN A 207 2.73 -5.47 15.45
N LEU A 208 3.12 -4.22 15.22
CA LEU A 208 4.47 -3.89 14.81
C LEU A 208 5.22 -3.13 15.89
N ASN A 209 6.54 -3.34 15.96
CA ASN A 209 7.39 -2.50 16.78
C ASN A 209 8.35 -1.69 15.93
N SER A 210 8.37 -1.93 14.61
CA SER A 210 9.25 -1.17 13.76
C SER A 210 8.85 0.31 13.69
N VAL A 211 9.86 1.12 13.39
CA VAL A 211 9.73 2.56 13.31
C VAL A 211 10.50 3.03 12.08
N GLU A 212 9.87 3.82 11.25
CA GLU A 212 10.63 4.33 10.10
C GLU A 212 10.37 5.81 9.98
N ARG A 213 11.27 6.49 9.30
CA ARG A 213 11.20 7.93 9.26
C ARG A 213 11.47 8.43 7.85
N TYR A 214 10.76 9.47 7.51
CA TYR A 214 10.77 10.03 6.18
C TYR A 214 11.57 11.32 6.19
N ASP A 215 12.51 11.38 5.25
CA ASP A 215 13.28 12.56 4.95
C ASP A 215 12.77 13.16 3.63
N VAL A 216 12.29 14.40 3.71
CA VAL A 216 11.69 15.06 2.55
C VAL A 216 12.76 15.33 1.50
N ALA A 217 13.95 15.72 1.92
CA ALA A 217 15.00 16.03 0.96
C ALA A 217 15.34 14.79 0.12
N THR A 218 15.29 13.59 0.69
CA THR A 218 15.62 12.44 -0.14
C THR A 218 14.39 11.69 -0.55
N ALA A 219 13.21 12.17 -0.11
CA ALA A 219 11.93 11.53 -0.35
C ALA A 219 12.05 10.04 -0.10
N THR A 220 12.62 9.68 1.06
CA THR A 220 12.98 8.28 1.37
C THR A 220 12.57 7.96 2.81
N TRP A 221 12.04 6.75 3.06
CA TRP A 221 11.75 6.23 4.38
C TRP A 221 12.90 5.32 4.78
N THR A 222 13.41 5.48 6.00
CA THR A 222 14.51 4.66 6.48
C THR A 222 14.18 4.06 7.84
N PHE A 223 14.40 2.75 7.98
CA PHE A 223 14.13 2.06 9.23
C PHE A 223 15.07 2.51 10.34
N VAL A 224 14.52 2.73 11.53
CA VAL A 224 15.32 3.16 12.67
C VAL A 224 15.11 2.24 13.86
N ALA A 225 15.58 2.66 15.03
CA ALA A 225 15.45 1.88 16.24
C ALA A 225 13.98 1.55 16.54
N PRO A 226 13.64 0.26 16.53
CA PRO A 226 12.27 -0.20 16.80
C PRO A 226 11.91 -0.08 18.27
N MET A 227 10.62 -0.11 18.59
CA MET A 227 10.18 0.01 19.96
C MET A 227 10.39 -1.31 20.66
N LYS A 228 10.38 -1.24 21.99
CA LYS A 228 10.45 -2.44 22.81
C LYS A 228 9.19 -3.28 22.69
N HIS A 229 8.03 -2.66 22.55
CA HIS A 229 6.76 -3.39 22.56
C HIS A 229 6.01 -3.12 21.27
N ARG A 230 5.69 -4.20 20.53
CA ARG A 230 4.74 -4.09 19.42
C ARG A 230 3.44 -3.48 19.92
N ARG A 231 2.84 -2.61 19.08
CA ARG A 231 1.61 -1.97 19.53
C ARG A 231 0.89 -1.34 18.34
N SER A 232 -0.43 -1.48 18.30
CA SER A 232 -1.26 -0.79 17.36
C SER A 232 -2.19 0.13 18.11
N ALA A 233 -2.64 1.20 17.45
CA ALA A 233 -3.52 2.20 18.11
C ALA A 233 -2.85 2.81 19.33
N LEU A 234 -1.57 3.09 19.18
CA LEU A 234 -0.81 3.76 20.19
C LEU A 234 -1.10 5.26 20.09
N GLY A 235 -0.87 5.96 21.17
CA GLY A 235 -0.77 7.41 21.10
C GLY A 235 0.69 7.82 20.93
N ILE A 236 0.92 8.99 20.34
CA ILE A 236 2.29 9.44 20.11
C ILE A 236 2.34 10.95 20.24
N THR A 237 3.47 11.47 20.73
CA THR A 237 3.71 12.93 20.70
C THR A 237 5.20 13.18 20.85
N VAL A 238 5.60 14.44 20.70
CA VAL A 238 6.99 14.83 20.87
C VAL A 238 7.04 15.79 22.04
N HIS A 239 7.97 15.55 22.96
CA HIS A 239 8.19 16.42 24.11
C HIS A 239 9.71 16.64 24.25
N GLN A 240 10.13 17.91 24.17
CA GLN A 240 11.56 18.30 24.36
C GLN A 240 12.52 17.46 23.50
N GLY A 241 12.21 17.36 22.21
CA GLY A 241 13.11 16.69 21.30
C GLY A 241 13.10 15.17 21.39
N ARG A 242 12.08 14.58 22.02
CA ARG A 242 12.04 13.14 22.11
C ARG A 242 10.63 12.65 21.79
N ILE A 243 10.54 11.45 21.20
CA ILE A 243 9.21 10.93 20.88
C ILE A 243 8.72 10.13 22.08
N TYR A 244 7.43 10.25 22.40
CA TYR A 244 6.79 9.43 23.43
C TYR A 244 5.66 8.63 22.79
N VAL A 245 5.60 7.35 23.11
CA VAL A 245 4.53 6.50 22.60
C VAL A 245 3.80 5.90 23.79
N LEU A 246 2.47 5.92 23.74
CA LEU A 246 1.62 5.66 24.93
C LEU A 246 0.65 4.56 24.60
N GLY A 247 0.69 3.49 25.39
CA GLY A 247 -0.36 2.49 25.35
C GLY A 247 -0.41 1.79 23.99
N GLY A 248 -1.61 1.40 23.62
CA GLY A 248 -1.84 0.64 22.41
C GLY A 248 -2.24 -0.79 22.75
N TYR A 249 -2.34 -1.60 21.71
CA TYR A 249 -2.81 -2.98 21.80
C TYR A 249 -1.79 -3.87 21.10
N ASP A 250 -1.40 -4.97 21.73
CA ASP A 250 -0.35 -5.81 21.17
C ASP A 250 -0.89 -7.17 20.69
N GLY A 251 -2.19 -7.26 20.44
CA GLY A 251 -2.78 -8.52 20.07
C GLY A 251 -3.31 -9.33 21.23
N HIS A 252 -2.90 -8.98 22.49
CA HIS A 252 -3.31 -9.70 23.68
C HIS A 252 -3.78 -8.78 24.80
N THR A 253 -3.17 -7.63 24.95
CA THR A 253 -3.28 -6.77 26.11
C THR A 253 -3.44 -5.34 25.64
N PHE A 254 -4.17 -4.54 26.39
CA PHE A 254 -4.17 -3.10 26.22
C PHE A 254 -3.04 -2.53 27.07
N LEU A 255 -1.98 -2.01 26.44
CA LEU A 255 -0.76 -1.70 27.18
C LEU A 255 -0.87 -0.43 28.01
N ASP A 256 -0.13 -0.39 29.14
CA ASP A 256 0.08 0.88 29.85
C ASP A 256 1.49 1.39 29.65
N SER A 257 2.33 0.66 28.93
CA SER A 257 3.72 1.04 28.71
C SER A 257 3.82 2.38 27.99
N VAL A 258 4.73 3.25 28.44
CA VAL A 258 5.07 4.48 27.70
C VAL A 258 6.55 4.40 27.37
N GLU A 259 6.89 4.47 26.07
CA GLU A 259 8.29 4.40 25.65
C GLU A 259 8.72 5.74 25.08
N CYS A 260 10.01 6.00 25.11
CA CYS A 260 10.55 7.29 24.71
C CYS A 260 11.75 7.06 23.78
N TYR A 261 11.71 7.73 22.64
CA TYR A 261 12.77 7.62 21.64
C TYR A 261 13.70 8.82 21.75
N ASP A 262 15.00 8.55 21.91
CA ASP A 262 16.02 9.59 21.91
C ASP A 262 16.68 9.56 20.53
N PRO A 263 16.48 10.58 19.69
CA PRO A 263 17.03 10.52 18.33
C PRO A 263 18.54 10.63 18.29
N ASP A 264 19.17 11.27 19.29
CA ASP A 264 20.63 11.38 19.28
C ASP A 264 21.29 10.04 19.47
N THR A 265 20.67 9.13 20.23
CA THR A 265 21.27 7.82 20.42
C THR A 265 20.55 6.74 19.63
N ASP A 266 19.44 7.07 18.97
CA ASP A 266 18.61 6.07 18.29
C ASP A 266 18.24 4.96 19.27
N THR A 267 17.68 5.33 20.43
CA THR A 267 17.30 4.28 21.39
C THR A 267 15.92 4.57 21.98
N TRP A 268 15.17 3.49 22.24
CA TRP A 268 13.90 3.57 22.93
C TRP A 268 14.18 3.15 24.36
N SER A 269 13.47 3.75 25.30
CA SER A 269 13.43 3.19 26.65
C SER A 269 12.04 3.39 27.23
N GLU A 270 11.69 2.51 28.17
CA GLU A 270 10.40 2.61 28.83
C GLU A 270 10.55 3.62 29.96
N VAL A 271 9.71 4.65 30.02
CA VAL A 271 9.91 5.68 31.03
C VAL A 271 8.82 5.68 32.09
N THR A 272 7.61 5.22 31.79
CA THR A 272 6.56 5.19 32.81
C THR A 272 5.50 4.19 32.37
N ARG A 273 4.52 3.98 33.26
CA ARG A 273 3.29 3.29 32.94
C ARG A 273 2.14 4.24 33.14
N MET A 274 1.23 4.29 32.19
CA MET A 274 -0.04 4.94 32.41
C MET A 274 -0.76 4.31 33.60
N THR A 275 -1.70 5.04 34.18
CA THR A 275 -2.41 4.51 35.36
C THR A 275 -3.26 3.30 35.04
N SER A 276 -3.66 3.12 33.78
CA SER A 276 -4.32 1.88 33.36
C SER A 276 -4.10 1.72 31.86
N GLY A 277 -4.03 0.47 31.41
CA GLY A 277 -3.78 0.22 29.99
C GLY A 277 -4.94 0.64 29.11
N ARG A 278 -4.61 1.09 27.90
CA ARG A 278 -5.65 1.57 26.99
C ARG A 278 -5.06 1.75 25.62
N SER A 279 -5.93 1.69 24.60
CA SER A 279 -5.52 2.00 23.24
C SER A 279 -6.35 3.14 22.72
N GLY A 280 -5.93 3.64 21.55
CA GLY A 280 -6.78 4.59 20.89
C GLY A 280 -6.91 5.92 21.62
N VAL A 281 -5.85 6.43 22.26
CA VAL A 281 -5.89 7.73 22.95
C VAL A 281 -5.62 8.85 21.96
N GLY A 282 -6.01 10.08 22.35
CA GLY A 282 -5.53 11.29 21.68
C GLY A 282 -4.47 11.88 22.60
N VAL A 283 -3.34 12.33 22.04
CA VAL A 283 -2.23 12.76 22.88
C VAL A 283 -1.67 14.08 22.35
N ALA A 284 -1.34 15.02 23.23
CA ALA A 284 -0.68 16.25 22.74
C ALA A 284 0.04 16.90 23.90
N VAL A 285 0.80 17.97 23.64
CA VAL A 285 1.63 18.56 24.67
C VAL A 285 1.25 20.02 24.83
N THR A 286 1.07 20.46 26.07
CA THR A 286 0.71 21.84 26.37
C THR A 286 1.19 22.22 27.77
N MET A 287 1.09 23.51 28.10
CA MET A 287 1.53 23.99 29.40
C MET A 287 0.72 23.34 30.53
N GLU A 288 1.41 22.94 31.58
CA GLU A 288 0.75 22.31 32.73
C GLU A 288 -0.38 23.17 33.27
N PRO A 289 -1.37 22.50 33.89
CA PRO A 289 -2.54 23.16 34.47
C PRO A 289 -2.18 23.99 35.70
N SER A 290 -3.03 24.96 36.03
CA SER A 290 -2.79 25.82 37.19
C SER A 290 -3.12 25.09 38.49
N ARG A 291 -1.94 24.88 39.20
CA ARG A 291 -2.27 24.28 40.49
C ARG A 291 -3.55 24.86 41.07
N LEU B 4 4.90 -10.98 -34.06
CA LEU B 4 3.54 -11.23 -33.58
C LEU B 4 3.47 -11.22 -32.05
N ILE B 5 2.24 -11.22 -31.52
CA ILE B 5 2.03 -11.26 -30.07
C ILE B 5 1.77 -12.70 -29.68
N TYR B 6 2.73 -13.31 -28.97
CA TYR B 6 2.62 -14.69 -28.51
C TYR B 6 2.04 -14.73 -27.09
N THR B 7 1.05 -15.59 -26.89
CA THR B 7 0.47 -15.88 -25.59
C THR B 7 0.66 -17.38 -25.33
N ALA B 8 1.14 -17.67 -24.10
CA ALA B 8 1.54 -19.01 -23.68
C ALA B 8 0.85 -19.33 -22.37
N GLY B 9 0.33 -20.55 -22.26
CA GLY B 9 -0.27 -21.00 -21.03
C GLY B 9 -1.59 -20.31 -20.77
N GLY B 10 -1.95 -20.24 -19.49
CA GLY B 10 -3.21 -19.69 -19.12
C GLY B 10 -4.08 -20.70 -18.41
N TYR B 11 -5.27 -20.26 -18.08
CA TYR B 11 -6.18 -21.08 -17.31
C TYR B 11 -7.59 -20.91 -17.83
N PHE B 12 -8.25 -22.03 -18.05
CA PHE B 12 -9.70 -22.11 -18.23
C PHE B 12 -10.04 -23.54 -17.86
N ARG B 13 -10.70 -23.72 -16.72
CA ARG B 13 -10.96 -25.04 -16.14
C ARG B 13 -9.70 -25.73 -15.60
N GLN B 14 -8.60 -25.67 -16.34
CA GLN B 14 -7.32 -26.15 -15.88
C GLN B 14 -6.24 -25.31 -16.52
N SER B 15 -5.02 -25.46 -16.04
CA SER B 15 -3.92 -24.77 -16.65
C SER B 15 -3.77 -25.33 -18.05
N LEU B 16 -3.31 -24.49 -18.97
CA LEU B 16 -3.32 -24.73 -20.40
C LEU B 16 -1.91 -24.83 -20.93
N SER B 17 -1.82 -25.47 -22.09
CA SER B 17 -0.61 -25.71 -22.87
C SER B 17 -0.52 -24.81 -24.09
N TYR B 18 -1.56 -24.00 -24.35
CA TYR B 18 -1.66 -23.27 -25.60
C TYR B 18 -0.47 -22.35 -25.82
N LEU B 19 0.07 -22.37 -27.03
CA LEU B 19 0.92 -21.31 -27.51
C LEU B 19 0.33 -20.85 -28.83
N GLU B 20 -0.14 -19.62 -28.86
CA GLU B 20 -0.76 -19.02 -30.04
C GLU B 20 -0.18 -17.62 -30.26
N ALA B 21 -0.22 -17.17 -31.52
CA ALA B 21 0.32 -15.88 -31.92
C ALA B 21 -0.72 -15.09 -32.70
N TYR B 22 -0.95 -13.85 -32.29
CA TYR B 22 -1.89 -12.95 -32.93
C TYR B 22 -1.13 -11.93 -33.77
N ASN B 23 -1.59 -11.73 -35.00
CA ASN B 23 -1.04 -10.75 -35.92
C ASN B 23 -1.93 -9.51 -35.91
N PRO B 24 -1.53 -8.42 -35.27
CA PRO B 24 -2.37 -7.21 -35.28
C PRO B 24 -2.56 -6.61 -36.67
N SER B 25 -1.69 -6.95 -37.62
CA SER B 25 -1.87 -6.49 -38.99
C SER B 25 -2.86 -7.38 -39.74
N ASP B 26 -2.59 -8.69 -39.74
CA ASP B 26 -3.45 -9.67 -40.41
C ASP B 26 -4.76 -9.90 -39.66
N GLY B 27 -4.78 -9.70 -38.34
CA GLY B 27 -5.90 -10.12 -37.53
C GLY B 27 -5.98 -11.61 -37.29
N THR B 28 -5.08 -12.39 -37.88
CA THR B 28 -5.14 -13.85 -37.78
C THR B 28 -4.49 -14.33 -36.49
N TRP B 29 -4.96 -15.50 -36.04
CA TRP B 29 -4.33 -16.26 -34.97
C TRP B 29 -3.68 -17.53 -35.52
N LEU B 30 -2.43 -17.76 -35.16
CA LEU B 30 -1.64 -18.93 -35.51
C LEU B 30 -1.45 -19.82 -34.27
N ARG B 31 -1.74 -21.11 -34.37
CA ARG B 31 -1.53 -22.00 -33.22
C ARG B 31 -0.23 -22.76 -33.38
N LEU B 32 0.64 -22.68 -32.36
CA LEU B 32 1.98 -23.23 -32.44
C LEU B 32 2.15 -24.38 -31.45
N ALA B 33 3.41 -24.73 -31.19
CA ALA B 33 3.72 -25.90 -30.37
C ALA B 33 3.23 -25.74 -28.92
N ASP B 34 2.59 -26.79 -28.41
CA ASP B 34 2.16 -26.81 -27.02
C ASP B 34 3.35 -26.72 -26.07
N LEU B 35 3.15 -26.03 -24.94
CA LEU B 35 4.08 -26.13 -23.82
C LEU B 35 4.28 -27.60 -23.41
N GLN B 36 5.49 -27.91 -22.93
CA GLN B 36 5.72 -29.27 -22.47
C GLN B 36 4.88 -29.59 -21.25
N VAL B 37 4.75 -28.62 -20.34
CA VAL B 37 3.98 -28.75 -19.11
C VAL B 37 2.99 -27.60 -19.07
N PRO B 38 1.71 -27.85 -18.85
CA PRO B 38 0.73 -26.77 -18.72
C PRO B 38 1.06 -25.87 -17.55
N ARG B 39 0.78 -24.57 -17.71
CA ARG B 39 1.08 -23.56 -16.72
C ARG B 39 0.09 -22.41 -16.86
N SER B 40 -0.34 -21.90 -15.73
CA SER B 40 -0.99 -20.60 -15.62
C SER B 40 -0.25 -19.83 -14.55
N GLY B 41 -0.44 -18.51 -14.54
CA GLY B 41 0.27 -17.69 -13.58
C GLY B 41 1.77 -17.56 -13.88
N LEU B 42 2.18 -17.84 -15.12
CA LEU B 42 3.56 -17.71 -15.54
C LEU B 42 3.78 -16.32 -16.12
N ALA B 43 5.02 -16.03 -16.46
CA ALA B 43 5.32 -14.81 -17.20
C ALA B 43 6.05 -15.20 -18.48
N GLY B 44 5.91 -14.34 -19.49
CA GLY B 44 6.62 -14.49 -20.74
C GLY B 44 7.58 -13.33 -20.95
N CYS B 45 8.67 -13.62 -21.64
CA CYS B 45 9.57 -12.56 -22.09
C CYS B 45 10.32 -13.13 -23.28
N VAL B 46 11.08 -12.25 -23.94
CA VAL B 46 11.85 -12.58 -25.14
C VAL B 46 13.26 -12.07 -24.92
N VAL B 47 14.24 -12.94 -25.15
CA VAL B 47 15.65 -12.57 -25.15
C VAL B 47 16.30 -13.18 -26.38
N GLY B 48 17.07 -12.38 -27.10
CA GLY B 48 17.74 -12.88 -28.31
C GLY B 48 16.78 -13.51 -29.29
N GLY B 49 15.59 -12.96 -29.43
CA GLY B 49 14.57 -13.49 -30.30
C GLY B 49 13.86 -14.74 -29.80
N LEU B 50 14.34 -15.36 -28.72
CA LEU B 50 13.72 -16.57 -28.18
C LEU B 50 12.72 -16.23 -27.07
N LEU B 51 11.61 -16.97 -27.03
CA LEU B 51 10.51 -16.71 -26.09
C LEU B 51 10.66 -17.61 -24.88
N TYR B 52 10.73 -17.02 -23.70
CA TYR B 52 10.87 -17.76 -22.46
C TYR B 52 9.58 -17.73 -21.66
N ALA B 53 9.23 -18.91 -21.13
CA ALA B 53 8.13 -19.12 -20.16
C ALA B 53 8.71 -19.40 -18.78
N VAL B 54 8.28 -18.62 -17.77
CA VAL B 54 8.90 -18.60 -16.45
C VAL B 54 7.82 -18.82 -15.39
N GLY B 55 8.04 -19.81 -14.53
CA GLY B 55 7.23 -20.02 -13.33
C GLY B 55 5.82 -20.46 -13.66
N GLY B 56 4.90 -20.11 -12.77
CA GLY B 56 3.52 -20.48 -12.93
C GLY B 56 3.20 -21.71 -12.10
N ARG B 57 2.19 -22.42 -12.56
CA ARG B 57 1.66 -23.52 -11.78
C ARG B 57 0.80 -24.36 -12.71
N ASN B 58 0.87 -25.70 -12.53
CA ASN B 58 -0.02 -26.58 -13.27
C ASN B 58 -1.16 -26.99 -12.32
N ASN B 59 -2.29 -26.27 -12.47
CA ASN B 59 -3.53 -26.51 -11.75
C ASN B 59 -4.41 -27.39 -12.63
N SER B 60 -4.59 -28.64 -12.22
CA SER B 60 -5.14 -29.70 -13.05
C SER B 60 -6.08 -30.54 -12.20
N PRO B 61 -6.96 -31.34 -12.82
CA PRO B 61 -7.83 -32.20 -12.01
C PRO B 61 -7.04 -33.18 -11.11
N ASP B 62 -5.72 -33.31 -11.34
CA ASP B 62 -4.87 -34.24 -10.60
C ASP B 62 -3.78 -33.58 -9.80
N GLY B 63 -3.76 -32.26 -9.71
CA GLY B 63 -2.68 -31.69 -8.93
C GLY B 63 -2.68 -30.19 -9.04
N ASN B 64 -1.76 -29.59 -8.32
CA ASN B 64 -1.71 -28.11 -8.33
C ASN B 64 -0.26 -27.70 -8.10
N THR B 65 0.65 -28.14 -8.95
CA THR B 65 2.08 -28.02 -8.66
C THR B 65 2.63 -26.65 -9.11
N ASP B 66 3.16 -25.85 -8.15
CA ASP B 66 3.84 -24.61 -8.50
C ASP B 66 5.10 -24.90 -9.29
N SER B 67 5.45 -24.00 -10.17
CA SER B 67 6.45 -24.31 -11.17
C SER B 67 7.72 -23.49 -10.93
N SER B 68 8.85 -24.17 -10.90
CA SER B 68 10.10 -23.43 -10.92
C SER B 68 10.74 -23.45 -12.30
N ALA B 69 10.02 -23.94 -13.30
CA ALA B 69 10.59 -24.23 -14.60
C ALA B 69 10.80 -22.96 -15.42
N LEU B 70 11.87 -22.97 -16.21
CA LEU B 70 12.07 -22.00 -17.29
C LEU B 70 12.18 -22.79 -18.59
N ASP B 71 11.42 -22.38 -19.61
CA ASP B 71 11.43 -23.05 -20.91
C ASP B 71 11.56 -22.04 -22.05
N CYS B 72 12.16 -22.47 -23.15
CA CYS B 72 12.50 -21.59 -24.26
C CYS B 72 11.87 -22.09 -25.54
N TYR B 73 11.16 -21.22 -26.22
CA TYR B 73 10.52 -21.52 -27.48
C TYR B 73 11.32 -20.81 -28.56
N ASN B 74 11.72 -21.58 -29.58
CA ASN B 74 12.48 -21.03 -30.70
C ASN B 74 11.52 -20.82 -31.86
N PRO B 75 11.26 -19.57 -32.29
CA PRO B 75 10.29 -19.36 -33.37
C PRO B 75 10.72 -19.96 -34.69
N MET B 76 12.01 -20.28 -34.87
CA MET B 76 12.47 -20.86 -36.13
C MET B 76 12.48 -22.39 -36.11
N THR B 77 12.41 -23.00 -34.92
CA THR B 77 12.28 -24.44 -34.80
C THR B 77 10.86 -24.87 -34.44
N ASN B 78 10.02 -23.96 -33.95
CA ASN B 78 8.76 -24.34 -33.30
C ASN B 78 9.01 -25.46 -32.31
N GLN B 79 10.10 -25.36 -31.55
CA GLN B 79 10.39 -26.32 -30.48
C GLN B 79 10.61 -25.60 -29.16
N TRP B 80 10.10 -26.23 -28.08
CA TRP B 80 10.44 -25.87 -26.71
C TRP B 80 11.64 -26.67 -26.23
N SER B 81 12.47 -26.02 -25.41
CA SER B 81 13.61 -26.66 -24.80
C SER B 81 13.66 -26.22 -23.34
N PRO B 82 13.88 -27.13 -22.41
CA PRO B 82 13.99 -26.73 -21.00
C PRO B 82 15.29 -26.03 -20.70
N CYS B 83 15.25 -25.12 -19.74
CA CYS B 83 16.45 -24.47 -19.22
C CYS B 83 16.56 -24.82 -17.73
N ALA B 84 17.63 -24.35 -17.09
CA ALA B 84 17.76 -24.68 -15.68
C ALA B 84 16.60 -24.07 -14.90
N PRO B 85 16.14 -24.74 -13.86
CA PRO B 85 15.01 -24.21 -13.08
C PRO B 85 15.47 -23.14 -12.12
N MET B 86 14.51 -22.32 -11.67
CA MET B 86 14.75 -21.30 -10.65
C MET B 86 15.00 -21.96 -9.32
N SER B 87 15.52 -21.17 -8.38
CA SER B 87 15.75 -21.69 -7.02
C SER B 87 14.46 -22.16 -6.36
N VAL B 88 13.35 -21.48 -6.62
CA VAL B 88 12.07 -21.82 -5.97
C VAL B 88 10.94 -21.78 -6.98
N PRO B 89 9.85 -22.49 -6.70
CA PRO B 89 8.65 -22.34 -7.54
C PRO B 89 8.05 -20.96 -7.32
N ARG B 90 7.49 -20.39 -8.38
CA ARG B 90 6.94 -19.03 -8.33
C ARG B 90 5.68 -19.04 -9.19
N ASN B 91 4.54 -19.28 -8.55
CA ASN B 91 3.25 -19.03 -9.18
C ASN B 91 2.92 -17.53 -9.15
N ARG B 92 2.33 -17.01 -10.23
CA ARG B 92 1.94 -15.58 -10.31
C ARG B 92 3.16 -14.70 -10.15
N ILE B 93 4.18 -15.09 -10.88
CA ILE B 93 5.48 -14.46 -10.91
C ILE B 93 5.41 -13.20 -11.76
N GLY B 94 6.40 -12.32 -11.61
CA GLY B 94 6.60 -11.24 -12.55
C GLY B 94 8.01 -11.37 -13.13
N VAL B 95 8.20 -10.91 -14.38
CA VAL B 95 9.56 -10.98 -14.93
C VAL B 95 9.91 -9.72 -15.70
N GLY B 96 11.21 -9.45 -15.76
CA GLY B 96 11.69 -8.36 -16.58
C GLY B 96 13.02 -8.69 -17.22
N VAL B 97 13.35 -7.97 -18.31
CA VAL B 97 14.57 -8.25 -19.10
C VAL B 97 15.49 -7.04 -19.01
N ILE B 98 16.68 -7.24 -18.46
CA ILE B 98 17.72 -6.19 -18.46
C ILE B 98 18.99 -6.77 -19.04
N ASP B 99 19.51 -6.13 -20.08
CA ASP B 99 20.84 -6.47 -20.61
C ASP B 99 20.90 -7.94 -21.01
N GLY B 100 19.84 -8.44 -21.62
CA GLY B 100 19.80 -9.84 -22.02
C GLY B 100 19.69 -10.86 -20.90
N HIS B 101 19.39 -10.44 -19.66
CA HIS B 101 19.22 -11.33 -18.50
C HIS B 101 17.77 -11.25 -18.01
N ILE B 102 17.26 -12.39 -17.53
CA ILE B 102 15.87 -12.52 -17.08
C ILE B 102 15.83 -12.39 -15.57
N TYR B 103 15.03 -11.45 -15.06
CA TYR B 103 14.76 -11.30 -13.64
C TYR B 103 13.40 -11.90 -13.29
N ALA B 104 13.40 -12.86 -12.39
CA ALA B 104 12.21 -13.49 -11.86
C ALA B 104 11.94 -12.89 -10.51
N VAL B 105 10.70 -12.39 -10.33
CA VAL B 105 10.34 -11.54 -9.22
C VAL B 105 9.13 -12.14 -8.49
N GLY B 106 9.30 -12.39 -7.18
CA GLY B 106 8.16 -12.60 -6.30
C GLY B 106 7.45 -13.90 -6.60
N GLY B 107 6.11 -13.87 -6.50
CA GLY B 107 5.33 -15.05 -6.80
C GLY B 107 5.17 -15.91 -5.56
N SER B 108 4.39 -16.99 -5.66
CA SER B 108 4.15 -17.83 -4.50
C SER B 108 4.55 -19.29 -4.70
N HIS B 109 4.77 -19.95 -3.57
CA HIS B 109 4.91 -21.40 -3.51
C HIS B 109 4.04 -21.86 -2.35
N GLY B 110 2.87 -22.37 -2.67
CA GLY B 110 1.95 -22.73 -1.61
C GLY B 110 1.63 -21.47 -0.83
N CYS B 111 1.87 -21.51 0.49
CA CYS B 111 1.58 -20.40 1.38
C CYS B 111 2.70 -19.36 1.42
N ILE B 112 3.83 -19.64 0.81
CA ILE B 112 4.96 -18.74 0.86
C ILE B 112 4.74 -17.70 -0.22
N HIS B 113 4.72 -16.43 0.16
CA HIS B 113 4.69 -15.34 -0.79
C HIS B 113 6.08 -14.76 -0.82
N HIS B 114 6.80 -14.94 -1.93
CA HIS B 114 8.21 -14.59 -2.04
C HIS B 114 8.40 -13.07 -2.09
N ASN B 115 9.43 -12.59 -1.42
CA ASN B 115 10.04 -11.33 -1.78
C ASN B 115 11.30 -11.55 -2.56
N SER B 116 11.73 -12.80 -2.76
CA SER B 116 13.03 -13.06 -3.40
C SER B 116 12.97 -12.77 -4.89
N VAL B 117 14.15 -12.54 -5.45
CA VAL B 117 14.36 -12.25 -6.87
C VAL B 117 15.60 -13.01 -7.33
N GLU B 118 15.57 -13.49 -8.57
CA GLU B 118 16.76 -14.14 -9.11
C GLU B 118 16.90 -13.79 -10.60
N ARG B 119 18.13 -13.96 -11.10
CA ARG B 119 18.54 -13.55 -12.45
C ARG B 119 19.04 -14.76 -13.21
N TYR B 120 18.60 -14.87 -14.46
CA TYR B 120 18.96 -15.94 -15.37
C TYR B 120 19.85 -15.39 -16.48
N GLU B 121 20.90 -16.13 -16.78
CA GLU B 121 21.84 -15.77 -17.85
C GLU B 121 21.73 -16.75 -19.00
N PRO B 122 21.11 -16.36 -20.12
CA PRO B 122 20.88 -17.34 -21.20
C PRO B 122 22.15 -17.97 -21.75
N GLU B 123 23.25 -17.21 -21.87
CA GLU B 123 24.47 -17.79 -22.43
C GLU B 123 25.22 -18.65 -21.42
N ARG B 124 24.77 -18.69 -20.16
CA ARG B 124 25.31 -19.63 -19.19
C ARG B 124 24.31 -20.69 -18.70
N ASP B 125 23.03 -20.54 -19.01
CA ASP B 125 21.96 -21.39 -18.47
C ASP B 125 22.06 -21.53 -16.93
N GLU B 126 22.13 -20.39 -16.24
CA GLU B 126 22.24 -20.38 -14.78
C GLU B 126 21.38 -19.29 -14.17
N TRP B 127 20.79 -19.60 -13.01
CA TRP B 127 20.10 -18.66 -12.16
C TRP B 127 20.96 -18.34 -10.95
N HIS B 128 20.85 -17.09 -10.47
CA HIS B 128 21.47 -16.66 -9.24
C HIS B 128 20.59 -15.65 -8.52
N LEU B 129 20.49 -15.79 -7.20
CA LEU B 129 19.68 -14.87 -6.43
C LEU B 129 20.30 -13.47 -6.42
N VAL B 130 19.45 -12.45 -6.44
CA VAL B 130 19.93 -11.10 -6.27
C VAL B 130 19.26 -10.56 -5.03
N ALA B 131 19.33 -9.26 -4.81
CA ALA B 131 18.77 -8.72 -3.60
C ALA B 131 17.24 -8.87 -3.59
N PRO B 132 16.64 -9.22 -2.45
CA PRO B 132 15.20 -9.37 -2.40
C PRO B 132 14.49 -8.03 -2.47
N MET B 133 13.20 -8.09 -2.83
CA MET B 133 12.36 -6.91 -2.74
C MET B 133 12.16 -6.55 -1.29
N LEU B 134 11.75 -5.29 -1.05
CA LEU B 134 11.27 -4.81 0.26
C LEU B 134 9.95 -5.46 0.67
N THR B 135 9.19 -6.00 -0.27
CA THR B 135 7.82 -6.42 -0.09
C THR B 135 7.65 -7.82 -0.63
N ARG B 136 6.86 -8.65 0.04
CA ARG B 136 6.40 -9.91 -0.57
C ARG B 136 5.30 -9.60 -1.58
N ARG B 137 5.44 -10.12 -2.81
CA ARG B 137 4.54 -9.75 -3.91
C ARG B 137 4.29 -10.95 -4.82
N ILE B 138 3.07 -11.37 -4.89
CA ILE B 138 2.59 -12.27 -5.93
C ILE B 138 1.57 -11.51 -6.74
N GLY B 139 1.34 -11.93 -7.99
CA GLY B 139 0.48 -11.14 -8.84
C GLY B 139 1.12 -9.81 -9.14
N VAL B 140 2.47 -9.77 -9.10
CA VAL B 140 3.23 -8.52 -9.21
C VAL B 140 3.45 -8.20 -10.67
N GLY B 141 3.38 -6.91 -11.02
CA GLY B 141 3.69 -6.50 -12.38
C GLY B 141 5.13 -6.01 -12.43
N VAL B 142 5.81 -6.31 -13.51
CA VAL B 142 7.23 -5.99 -13.58
C VAL B 142 7.50 -5.26 -14.88
N ALA B 143 8.32 -4.22 -14.81
CA ALA B 143 8.63 -3.43 -15.98
C ALA B 143 10.08 -2.98 -15.94
N VAL B 144 10.67 -2.79 -17.11
CA VAL B 144 12.06 -2.34 -17.20
C VAL B 144 12.06 -1.00 -17.92
N LEU B 145 12.67 0.00 -17.31
CA LEU B 145 12.72 1.32 -17.90
C LEU B 145 14.06 1.97 -17.59
N ASN B 146 14.72 2.52 -18.63
CA ASN B 146 16.12 2.99 -18.52
C ASN B 146 16.98 1.96 -17.79
N ARG B 147 16.84 0.70 -18.17
CA ARG B 147 17.61 -0.38 -17.57
C ARG B 147 17.49 -0.44 -16.02
N LEU B 148 16.37 0.03 -15.46
CA LEU B 148 16.03 -0.22 -14.04
C LEU B 148 14.82 -1.14 -13.98
N LEU B 149 14.70 -1.95 -12.91
CA LEU B 149 13.65 -2.97 -12.82
C LEU B 149 12.60 -2.54 -11.81
N TYR B 150 11.34 -2.48 -12.22
CA TYR B 150 10.25 -2.01 -11.38
C TYR B 150 9.32 -3.16 -11.01
N ALA B 151 9.00 -3.27 -9.73
CA ALA B 151 8.03 -4.25 -9.23
C ALA B 151 6.83 -3.47 -8.74
N VAL B 152 5.65 -3.77 -9.25
CA VAL B 152 4.50 -2.87 -9.14
C VAL B 152 3.33 -3.69 -8.60
N GLY B 153 2.75 -3.25 -7.49
CA GLY B 153 1.51 -3.80 -7.05
C GLY B 153 1.68 -5.23 -6.59
N GLY B 154 0.57 -5.98 -6.59
CA GLY B 154 0.62 -7.38 -6.20
C GLY B 154 -0.12 -7.61 -4.91
N PHE B 155 0.21 -8.74 -4.27
CA PHE B 155 -0.47 -9.19 -3.04
C PHE B 155 0.57 -9.84 -2.13
N ASP B 156 0.60 -9.42 -0.83
CA ASP B 156 1.64 -9.92 0.08
C ASP B 156 1.15 -11.12 0.88
N GLY B 157 0.00 -11.65 0.56
CA GLY B 157 -0.61 -12.72 1.33
C GLY B 157 -1.75 -12.22 2.24
N THR B 158 -1.78 -10.92 2.56
CA THR B 158 -2.81 -10.35 3.41
C THR B 158 -3.42 -9.13 2.73
N ASN B 159 -2.59 -8.21 2.21
CA ASN B 159 -3.06 -6.98 1.61
C ASN B 159 -2.73 -6.94 0.13
N ARG B 160 -3.64 -6.42 -0.67
CA ARG B 160 -3.25 -6.06 -2.02
C ARG B 160 -2.58 -4.70 -1.97
N LEU B 161 -1.77 -4.40 -2.98
CA LEU B 161 -0.73 -3.39 -2.85
C LEU B 161 -0.89 -2.35 -3.94
N ASN B 162 -0.71 -1.08 -3.58
CA ASN B 162 -0.48 -0.06 -4.60
C ASN B 162 0.98 0.40 -4.62
N SER B 163 1.84 -0.11 -3.72
CA SER B 163 3.23 0.30 -3.71
C SER B 163 3.96 -0.20 -4.96
N ALA B 164 5.02 0.48 -5.30
CA ALA B 164 5.94 0.00 -6.33
C ALA B 164 7.33 0.26 -5.81
N GLU B 165 8.30 -0.53 -6.25
CA GLU B 165 9.68 -0.34 -5.83
C GLU B 165 10.59 -0.61 -7.02
N CYS B 166 11.84 -0.15 -6.91
CA CYS B 166 12.74 -0.08 -8.05
C CYS B 166 14.05 -0.73 -7.69
N TYR B 167 14.54 -1.60 -8.58
CA TYR B 167 15.78 -2.33 -8.41
C TYR B 167 16.84 -1.73 -9.34
N TYR B 168 17.96 -1.34 -8.74
CA TYR B 168 19.12 -0.78 -9.42
C TYR B 168 20.18 -1.87 -9.52
N PRO B 169 20.39 -2.42 -10.72
CA PRO B 169 21.23 -3.61 -10.84
C PRO B 169 22.67 -3.33 -10.49
N GLU B 170 23.17 -2.14 -10.80
CA GLU B 170 24.58 -1.89 -10.55
C GLU B 170 24.82 -1.42 -9.14
N ARG B 171 23.78 -1.32 -8.32
CA ARG B 171 23.93 -1.31 -6.88
C ARG B 171 23.37 -2.56 -6.25
N ASN B 172 22.73 -3.42 -7.06
CA ASN B 172 21.96 -4.56 -6.56
C ASN B 172 21.12 -4.13 -5.35
N GLU B 173 20.18 -3.19 -5.57
CA GLU B 173 19.45 -2.65 -4.44
C GLU B 173 18.04 -2.23 -4.85
N TRP B 174 17.10 -2.33 -3.89
CA TRP B 174 15.70 -1.96 -4.09
C TRP B 174 15.33 -0.73 -3.27
N ARG B 175 14.57 0.17 -3.88
CA ARG B 175 14.13 1.42 -3.25
C ARG B 175 12.65 1.62 -3.53
N MET B 176 11.86 1.93 -2.51
CA MET B 176 10.45 2.25 -2.74
C MET B 176 10.34 3.49 -3.62
N ILE B 177 9.32 3.54 -4.48
CA ILE B 177 9.02 4.76 -5.24
C ILE B 177 7.61 5.21 -4.87
N THR B 178 7.07 6.22 -5.57
CA THR B 178 5.70 6.71 -5.32
C THR B 178 4.70 5.57 -5.58
N ALA B 179 3.75 5.37 -4.70
CA ALA B 179 2.75 4.33 -4.90
C ALA B 179 1.75 4.72 -6.01
N MET B 180 1.17 3.70 -6.66
CA MET B 180 0.11 3.97 -7.62
C MET B 180 -1.05 4.65 -6.94
N ASN B 181 -1.91 5.29 -7.73
CA ASN B 181 -3.18 5.77 -7.21
C ASN B 181 -4.11 4.64 -6.74
N THR B 182 -4.03 3.47 -7.38
CA THR B 182 -4.96 2.36 -7.20
C THR B 182 -4.22 1.15 -6.70
N ILE B 183 -4.82 0.46 -5.72
CA ILE B 183 -4.34 -0.85 -5.34
C ILE B 183 -4.62 -1.84 -6.46
N ARG B 184 -3.60 -2.62 -6.85
CA ARG B 184 -3.74 -3.50 -8.03
C ARG B 184 -2.91 -4.75 -7.81
N SER B 185 -3.56 -5.91 -7.78
CA SER B 185 -2.90 -7.20 -7.85
C SER B 185 -3.35 -7.87 -9.15
N GLY B 186 -2.42 -8.60 -9.79
CA GLY B 186 -2.74 -9.22 -11.06
C GLY B 186 -3.06 -8.22 -12.15
N ALA B 187 -2.43 -7.04 -12.14
CA ALA B 187 -2.61 -6.05 -13.20
C ALA B 187 -1.75 -6.46 -14.39
N GLY B 188 -1.93 -5.79 -15.51
CA GLY B 188 -0.98 -5.87 -16.61
C GLY B 188 -0.03 -4.69 -16.50
N VAL B 189 1.26 -4.97 -16.37
CA VAL B 189 2.25 -3.90 -16.23
C VAL B 189 3.24 -3.98 -17.39
N CYS B 190 3.42 -2.86 -18.09
CA CYS B 190 4.33 -2.82 -19.25
C CYS B 190 4.95 -1.44 -19.35
N VAL B 191 5.83 -1.26 -20.31
CA VAL B 191 6.50 0.02 -20.50
C VAL B 191 6.26 0.61 -21.89
N LEU B 192 5.44 1.66 -21.94
CA LEU B 192 5.12 2.33 -23.19
C LEU B 192 6.00 3.58 -23.33
N HIS B 193 6.73 3.66 -24.43
CA HIS B 193 7.62 4.79 -24.71
C HIS B 193 8.54 5.09 -23.53
N ASN B 194 8.09 5.96 -22.64
CA ASN B 194 8.88 6.33 -21.46
C ASN B 194 8.00 6.39 -20.21
N CYS B 195 7.05 5.47 -20.11
CA CYS B 195 6.14 5.43 -18.97
C CYS B 195 5.76 4.00 -18.59
N ILE B 196 5.60 3.75 -17.29
CA ILE B 196 5.22 2.40 -16.82
C ILE B 196 3.72 2.42 -16.71
N TYR B 197 3.06 1.54 -17.42
CA TYR B 197 1.62 1.44 -17.41
C TYR B 197 1.20 0.27 -16.54
N ALA B 198 0.19 0.51 -15.73
CA ALA B 198 -0.44 -0.49 -14.91
C ALA B 198 -1.91 -0.50 -15.26
N ALA B 199 -2.40 -1.61 -15.82
CA ALA B 199 -3.75 -1.68 -16.34
C ALA B 199 -4.55 -2.78 -15.65
N GLY B 200 -5.76 -2.43 -15.20
CA GLY B 200 -6.61 -3.46 -14.64
C GLY B 200 -6.04 -3.96 -13.32
N GLY B 201 -6.31 -5.21 -13.05
CA GLY B 201 -5.95 -5.82 -11.80
C GLY B 201 -7.17 -5.99 -10.91
N TYR B 202 -6.89 -6.36 -9.66
CA TYR B 202 -7.90 -6.63 -8.66
C TYR B 202 -7.48 -5.91 -7.39
N ASP B 203 -8.43 -5.24 -6.73
CA ASP B 203 -8.05 -4.49 -5.53
C ASP B 203 -8.55 -5.10 -4.25
N GLY B 204 -8.98 -6.37 -4.25
CA GLY B 204 -9.59 -6.97 -3.09
C GLY B 204 -11.13 -6.95 -3.10
N GLN B 205 -11.75 -6.15 -3.96
CA GLN B 205 -13.20 -6.14 -4.04
C GLN B 205 -13.67 -6.32 -5.46
N ASP B 206 -13.08 -5.58 -6.39
CA ASP B 206 -13.50 -5.57 -7.78
C ASP B 206 -12.31 -5.74 -8.71
N GLN B 207 -12.56 -6.34 -9.87
CA GLN B 207 -11.63 -6.16 -10.96
C GLN B 207 -11.74 -4.74 -11.47
N LEU B 208 -10.63 -4.22 -11.99
CA LEU B 208 -10.51 -2.84 -12.42
C LEU B 208 -10.45 -2.75 -13.92
N ASN B 209 -10.97 -1.65 -14.46
CA ASN B 209 -10.71 -1.25 -15.83
C ASN B 209 -9.88 0.01 -15.92
N SER B 210 -9.61 0.68 -14.79
CA SER B 210 -8.76 1.86 -14.82
C SER B 210 -7.33 1.51 -15.19
N VAL B 211 -6.61 2.50 -15.71
CA VAL B 211 -5.25 2.34 -16.20
C VAL B 211 -4.49 3.59 -15.79
N GLU B 212 -3.30 3.42 -15.23
CA GLU B 212 -2.51 4.59 -14.88
C GLU B 212 -1.06 4.35 -15.31
N ARG B 213 -0.31 5.44 -15.41
CA ARG B 213 1.05 5.36 -15.94
C ARG B 213 1.98 6.26 -15.15
N TYR B 214 3.20 5.80 -14.99
CA TYR B 214 4.22 6.41 -14.16
C TYR B 214 5.23 7.14 -15.03
N ASP B 215 5.47 8.41 -14.71
CA ASP B 215 6.47 9.21 -15.39
C ASP B 215 7.63 9.38 -14.43
N VAL B 216 8.80 8.86 -14.83
CA VAL B 216 9.96 8.78 -13.93
C VAL B 216 10.48 10.17 -13.60
N ALA B 217 10.56 11.05 -14.58
CA ALA B 217 11.15 12.36 -14.33
C ALA B 217 10.37 13.17 -13.29
N THR B 218 9.05 13.04 -13.25
CA THR B 218 8.26 13.77 -12.27
C THR B 218 7.83 12.88 -11.13
N ALA B 219 8.21 11.62 -11.17
CA ALA B 219 7.78 10.64 -10.18
C ALA B 219 6.28 10.69 -9.92
N THR B 220 5.49 10.64 -10.98
CA THR B 220 4.05 10.85 -10.83
C THR B 220 3.29 9.75 -11.55
N TRP B 221 2.24 9.22 -10.91
CA TRP B 221 1.31 8.32 -11.60
C TRP B 221 0.09 9.12 -12.04
N THR B 222 -0.33 8.95 -13.31
CA THR B 222 -1.52 9.63 -13.81
C THR B 222 -2.45 8.64 -14.52
N PHE B 223 -3.75 8.81 -14.31
CA PHE B 223 -4.73 8.01 -15.02
C PHE B 223 -4.79 8.35 -16.50
N VAL B 224 -5.00 7.32 -17.32
CA VAL B 224 -5.32 7.51 -18.71
C VAL B 224 -6.70 6.91 -18.94
N ALA B 225 -7.09 6.74 -20.20
CA ALA B 225 -8.41 6.19 -20.47
C ALA B 225 -8.50 4.76 -19.98
N PRO B 226 -9.64 4.36 -19.43
CA PRO B 226 -9.81 2.97 -18.96
C PRO B 226 -10.16 2.03 -20.08
N MET B 227 -9.91 0.75 -19.83
CA MET B 227 -10.31 -0.30 -20.74
C MET B 227 -11.83 -0.42 -20.78
N LYS B 228 -12.33 -1.06 -21.83
CA LYS B 228 -13.76 -1.31 -21.86
C LYS B 228 -14.15 -2.38 -20.83
N HIS B 229 -13.29 -3.37 -20.61
CA HIS B 229 -13.65 -4.51 -19.78
C HIS B 229 -12.68 -4.65 -18.61
N ARG B 230 -13.23 -4.60 -17.39
CA ARG B 230 -12.51 -4.93 -16.17
C ARG B 230 -11.88 -6.31 -16.28
N ARG B 231 -10.66 -6.45 -15.76
CA ARG B 231 -9.91 -7.70 -15.85
C ARG B 231 -8.71 -7.69 -14.92
N SER B 232 -8.48 -8.82 -14.27
CA SER B 232 -7.26 -9.13 -13.54
C SER B 232 -6.65 -10.40 -14.14
N ALA B 233 -5.36 -10.65 -13.87
CA ALA B 233 -4.67 -11.82 -14.42
C ALA B 233 -4.74 -11.80 -15.95
N LEU B 234 -4.57 -10.62 -16.51
CA LEU B 234 -4.48 -10.40 -17.96
C LEU B 234 -3.04 -10.52 -18.44
N GLY B 235 -2.87 -10.84 -19.71
CA GLY B 235 -1.58 -10.68 -20.34
C GLY B 235 -1.49 -9.30 -20.95
N ILE B 236 -0.27 -8.80 -21.11
CA ILE B 236 -0.10 -7.46 -21.65
C ILE B 236 1.22 -7.39 -22.40
N THR B 237 1.21 -6.59 -23.48
CA THR B 237 2.45 -6.37 -24.20
C THR B 237 2.31 -5.12 -25.05
N VAL B 238 3.44 -4.62 -25.53
CA VAL B 238 3.45 -3.48 -26.43
C VAL B 238 3.87 -3.98 -27.82
N HIS B 239 3.10 -3.58 -28.84
CA HIS B 239 3.35 -3.94 -30.24
C HIS B 239 3.25 -2.66 -31.06
N GLN B 240 4.35 -2.29 -31.71
CA GLN B 240 4.36 -1.15 -32.63
C GLN B 240 3.76 0.08 -31.97
N GLY B 241 4.22 0.34 -30.75
CA GLY B 241 3.78 1.55 -30.07
C GLY B 241 2.35 1.56 -29.59
N ARG B 242 1.71 0.39 -29.43
CA ARG B 242 0.37 0.33 -28.87
C ARG B 242 0.29 -0.80 -27.84
N ILE B 243 -0.59 -0.63 -26.84
CA ILE B 243 -0.66 -1.65 -25.79
C ILE B 243 -1.77 -2.63 -26.11
N TYR B 244 -1.49 -3.91 -25.95
CA TYR B 244 -2.46 -4.98 -26.09
C TYR B 244 -2.61 -5.69 -24.75
N VAL B 245 -3.86 -5.90 -24.33
CA VAL B 245 -4.17 -6.71 -23.16
C VAL B 245 -5.05 -7.86 -23.61
N LEU B 246 -4.75 -9.03 -23.04
CA LEU B 246 -5.24 -10.32 -23.50
C LEU B 246 -5.91 -11.07 -22.35
N GLY B 247 -7.20 -11.36 -22.50
CA GLY B 247 -7.93 -12.22 -21.59
C GLY B 247 -8.01 -11.67 -20.18
N GLY B 248 -8.02 -12.61 -19.23
CA GLY B 248 -8.16 -12.26 -17.83
C GLY B 248 -9.47 -12.77 -17.28
N TYR B 249 -9.75 -12.36 -16.06
CA TYR B 249 -10.89 -12.84 -15.33
C TYR B 249 -11.57 -11.61 -14.76
N ASP B 250 -12.90 -11.55 -14.84
CA ASP B 250 -13.57 -10.35 -14.36
C ASP B 250 -14.47 -10.62 -13.18
N GLY B 251 -14.28 -11.76 -12.51
CA GLY B 251 -15.13 -12.18 -11.44
C GLY B 251 -16.24 -13.10 -11.87
N HIS B 252 -16.50 -13.19 -13.12
CA HIS B 252 -17.56 -14.05 -13.61
C HIS B 252 -17.07 -14.93 -14.75
N THR B 253 -16.22 -14.40 -15.62
CA THR B 253 -15.97 -14.99 -16.92
C THR B 253 -14.48 -14.96 -17.20
N PHE B 254 -14.01 -15.96 -17.93
CA PHE B 254 -12.64 -15.93 -18.44
C PHE B 254 -12.66 -15.20 -19.77
N LEU B 255 -12.12 -13.99 -19.81
CA LEU B 255 -12.31 -13.15 -20.98
C LEU B 255 -11.53 -13.71 -22.15
N ASP B 256 -12.10 -13.59 -23.35
CA ASP B 256 -11.32 -13.78 -24.56
C ASP B 256 -11.04 -12.47 -25.28
N SER B 257 -11.59 -11.35 -24.81
CA SER B 257 -11.38 -10.05 -25.43
C SER B 257 -9.92 -9.63 -25.43
N VAL B 258 -9.47 -9.05 -26.54
CA VAL B 258 -8.16 -8.40 -26.62
C VAL B 258 -8.41 -6.94 -26.93
N GLU B 259 -7.93 -6.07 -26.04
CA GLU B 259 -8.11 -4.63 -26.20
C GLU B 259 -6.77 -4.00 -26.53
N CYS B 260 -6.84 -2.89 -27.24
CA CYS B 260 -5.67 -2.20 -27.75
C CYS B 260 -5.77 -0.71 -27.44
N TYR B 261 -4.75 -0.19 -26.77
CA TYR B 261 -4.68 1.20 -26.37
C TYR B 261 -3.78 1.94 -27.35
N ASP B 262 -4.32 3.02 -27.92
CA ASP B 262 -3.55 3.93 -28.75
C ASP B 262 -3.22 5.16 -27.93
N PRO B 263 -1.95 5.42 -27.63
CA PRO B 263 -1.62 6.55 -26.75
C PRO B 263 -1.84 7.89 -27.39
N ASP B 264 -1.79 7.98 -28.73
CA ASP B 264 -1.98 9.28 -29.37
C ASP B 264 -3.39 9.79 -29.18
N THR B 265 -4.36 8.90 -29.13
CA THR B 265 -5.74 9.30 -28.95
C THR B 265 -6.27 9.00 -27.56
N ASP B 266 -5.50 8.32 -26.72
CA ASP B 266 -5.97 7.90 -25.41
C ASP B 266 -7.31 7.15 -25.52
N THR B 267 -7.33 6.14 -26.37
CA THR B 267 -8.57 5.39 -26.56
C THR B 267 -8.27 3.91 -26.56
N TRP B 268 -9.20 3.15 -26.02
CA TRP B 268 -9.14 1.69 -26.12
C TRP B 268 -10.17 1.22 -27.13
N SER B 269 -9.84 0.19 -27.88
CA SER B 269 -10.87 -0.48 -28.66
C SER B 269 -10.59 -1.97 -28.72
N GLU B 270 -11.65 -2.74 -28.89
CA GLU B 270 -11.52 -4.19 -28.90
C GLU B 270 -11.10 -4.61 -30.30
N VAL B 271 -9.98 -5.31 -30.43
CA VAL B 271 -9.43 -5.59 -31.74
C VAL B 271 -9.64 -7.03 -32.18
N THR B 272 -9.71 -7.98 -31.24
CA THR B 272 -9.92 -9.38 -31.60
C THR B 272 -10.40 -10.13 -30.38
N ARG B 273 -10.74 -11.41 -30.60
CA ARG B 273 -11.04 -12.39 -29.58
C ARG B 273 -9.92 -13.40 -29.57
N MET B 274 -9.44 -13.77 -28.39
CA MET B 274 -8.63 -14.97 -28.32
C MET B 274 -9.48 -16.15 -28.79
N THR B 275 -8.81 -17.23 -29.20
CA THR B 275 -9.59 -18.37 -29.66
C THR B 275 -10.46 -18.96 -28.54
N SER B 276 -10.08 -18.74 -27.27
CA SER B 276 -10.89 -19.11 -26.11
C SER B 276 -10.47 -18.27 -24.90
N GLY B 277 -11.42 -17.99 -24.03
CA GLY B 277 -11.13 -17.20 -22.85
C GLY B 277 -10.20 -17.93 -21.89
N ARG B 278 -9.35 -17.17 -21.24
CA ARG B 278 -8.37 -17.73 -20.32
C ARG B 278 -7.77 -16.58 -19.51
N SER B 279 -7.26 -16.92 -18.35
CA SER B 279 -6.55 -15.96 -17.55
C SER B 279 -5.17 -16.50 -17.28
N GLY B 280 -4.32 -15.61 -16.75
CA GLY B 280 -3.04 -15.99 -16.21
C GLY B 280 -2.05 -16.43 -17.26
N VAL B 281 -2.07 -15.80 -18.44
CA VAL B 281 -1.14 -16.15 -19.51
C VAL B 281 0.19 -15.45 -19.31
N GLY B 282 1.21 -15.94 -20.01
CA GLY B 282 2.41 -15.14 -20.27
C GLY B 282 2.38 -14.64 -21.69
N VAL B 283 2.76 -13.40 -21.90
CA VAL B 283 2.65 -12.76 -23.22
C VAL B 283 3.98 -12.05 -23.50
N ALA B 284 4.43 -12.13 -24.76
CA ALA B 284 5.59 -11.36 -25.22
C ALA B 284 5.53 -11.28 -26.75
N VAL B 285 6.44 -10.48 -27.33
CA VAL B 285 6.41 -10.19 -28.77
C VAL B 285 7.73 -10.63 -29.40
N THR B 286 7.63 -11.35 -30.53
CA THR B 286 8.78 -11.63 -31.38
C THR B 286 8.37 -12.10 -32.76
N BAL C 1 -10.20 -20.93 -8.89
CB BAL C 1 -10.88 -21.61 -7.78
CA BAL C 1 -11.63 -20.70 -6.83
C BAL C 1 -10.73 -19.57 -6.43
O BAL C 1 -9.91 -19.64 -5.53
N ASP C 2 -10.88 -18.44 -7.14
CA ASP C 2 -10.05 -17.29 -6.86
C ASP C 2 -10.63 -16.03 -7.44
N GLU C 3 -10.81 -15.03 -6.57
CA GLU C 3 -11.38 -13.77 -7.00
C GLU C 3 -10.53 -13.14 -8.10
N GLU C 4 -9.23 -13.39 -8.07
CA GLU C 4 -8.32 -12.60 -8.89
C GLU C 4 -7.99 -13.28 -10.19
N THR C 5 -7.77 -14.60 -10.19
CA THR C 5 -7.37 -15.32 -11.39
C THR C 5 -8.44 -16.28 -11.90
N GLY C 6 -9.52 -16.48 -11.14
CA GLY C 6 -10.56 -17.47 -11.35
C GLY C 6 -10.17 -18.93 -11.10
N GLU C 7 -8.97 -19.22 -10.56
CA GLU C 7 -8.54 -20.62 -10.41
C GLU C 7 -9.06 -21.28 -9.14
#